data_3HJW
#
_entry.id   3HJW
#
_cell.length_a   186.013
_cell.length_b   63.026
_cell.length_c   85.447
_cell.angle_alpha   90.00
_cell.angle_beta   90.00
_cell.angle_gamma   90.00
#
_symmetry.space_group_name_H-M   'P 21 21 2'
#
loop_
_entity.id
_entity.type
_entity.pdbx_description
1 polymer 'Pseudouridine synthase Cbf5'
2 polymer 'Ribosome biogenesis protein Nop10'
3 polymer '50S ribosomal protein L7Ae'
4 polymer 'RNA (58-MER)'
5 polymer "5'-R(*GP*AP*GP*CP*GP*(FHU)P*GP*CP*GP*GP*UP*UP*U)-3'"
6 non-polymer 'ZINC ION'
7 non-polymer 'POTASSIUM ION'
8 water water
#
loop_
_entity_poly.entity_id
_entity_poly.type
_entity_poly.pdbx_seq_one_letter_code
_entity_poly.pdbx_strand_id
1 'polypeptide(L)'
;RILPADIKREVLIKDENAETNPDWGFPPEKRPIEMHIQFGVINLDKPPGPTSHEVVAWIKKILNLEKAGHGGTLDPKVSG
VLPVALEKATRVVQALLPAGKEYVALMHLHGDVPEDKIIQVMKEFEGEIIQRPPLRSAVKRRLRTRKVYYIEVLEIEGRD
VLFRVGVEAGTYIRSLIHHIGLALGVGAHMSELRRTRSGPFKEDETLITLHDLVDYYYFWKEDGIEEYFRKAIQPMEKAV
EHLPKVWIKDSAVAAVTHGADLAVPGIAKLHAGIKRGDLVAIMTLKDELVALGKAMMTSQEMLEKTKGIAVDVEKVFMPR
DWYPKLW
;
A
2 'polypeptide(L)' FRIRKCPKCGRYTLKEVCPVCGEKTKVAHPPRFSPEDPYGEYRRRWKREVLGI B
3 'polypeptide(L)'
;KPSYVKFEVPKELAEKALQAVEIARDTGKIRKGTNETTKAVERGQAKLVIIAEDVDPEEIVAHLPPLCEEKEIPYIYVPS
KKELGAAAGIEVAAASVAIIEPGKARDLVEEIAMKVKELM
;
C
4 'polyribonucleotide' GGGCCACGGAAACCGCGCGCGGUGAUCAAUGAGCCGCGUUCGCUCCCGUGGCCCACAA D
5 'polyribonucleotide' GAGCG(FHU)GCGGUUU E
#
# COMPACT_ATOMS: atom_id res chain seq x y z
N ARG A 1 -18.91 0.40 -9.18
CA ARG A 1 -18.23 1.12 -8.06
C ARG A 1 -18.47 0.51 -6.69
N ILE A 2 -19.57 -0.21 -6.52
CA ILE A 2 -20.02 -0.65 -5.21
C ILE A 2 -19.68 -2.11 -4.86
N LEU A 3 -19.01 -2.31 -3.73
CA LEU A 3 -18.95 -3.61 -3.07
C LEU A 3 -20.06 -3.69 -1.98
N PRO A 4 -20.49 -4.91 -1.62
CA PRO A 4 -21.42 -5.12 -0.50
C PRO A 4 -21.03 -4.41 0.80
N ALA A 5 -19.72 -4.31 1.05
CA ALA A 5 -19.21 -3.65 2.25
C ALA A 5 -19.35 -2.13 2.21
N ASP A 6 -20.02 -1.61 1.18
CA ASP A 6 -20.17 -0.17 1.03
C ASP A 6 -21.54 0.35 1.52
N ILE A 7 -22.43 -0.59 1.87
CA ILE A 7 -23.80 -0.25 2.28
C ILE A 7 -23.86 0.82 3.37
N LYS A 8 -24.85 1.70 3.23
CA LYS A 8 -25.12 2.72 4.24
C LYS A 8 -25.75 2.05 5.46
N ARG A 9 -25.31 2.45 6.65
CA ARG A 9 -25.86 1.89 7.90
C ARG A 9 -26.38 2.95 8.87
N GLU A 10 -27.66 2.83 9.22
CA GLU A 10 -28.25 3.72 10.21
C GLU A 10 -27.99 3.17 11.62
N VAL A 11 -27.39 3.99 12.48
CA VAL A 11 -27.22 3.68 13.90
C VAL A 11 -28.50 3.98 14.69
N LEU A 12 -28.99 2.98 15.40
CA LEU A 12 -30.21 3.11 16.19
C LEU A 12 -29.89 3.09 17.69
N ILE A 13 -30.62 3.90 18.46
CA ILE A 13 -30.40 4.05 19.89
C ILE A 13 -31.35 3.17 20.69
N LYS A 14 -30.79 2.32 21.54
CA LYS A 14 -31.59 1.58 22.50
C LYS A 14 -31.66 2.33 23.84
N ASP A 15 -30.50 2.56 24.46
CA ASP A 15 -30.43 3.28 25.74
C ASP A 15 -29.72 4.63 25.65
N GLU A 16 -30.53 5.67 25.56
CA GLU A 16 -30.08 7.06 25.39
C GLU A 16 -29.28 7.57 26.58
N ASN A 17 -29.49 6.94 27.74
CA ASN A 17 -28.89 7.39 29.00
C ASN A 17 -27.53 6.80 29.33
N ALA A 18 -27.12 5.80 28.55
CA ALA A 18 -25.84 5.13 28.74
C ALA A 18 -24.66 6.09 28.54
N GLU A 19 -23.80 6.17 29.55
CA GLU A 19 -22.60 6.99 29.51
C GLU A 19 -21.39 6.07 29.69
N THR A 20 -20.23 6.51 29.21
CA THR A 20 -19.01 5.72 29.40
C THR A 20 -18.05 6.42 30.36
N ASN A 21 -17.44 5.62 31.24
CA ASN A 21 -16.46 6.09 32.21
C ASN A 21 -15.08 6.25 31.56
N PRO A 22 -14.58 7.49 31.46
CA PRO A 22 -13.28 7.80 30.85
C PRO A 22 -12.08 7.12 31.50
N ASP A 23 -12.24 6.64 32.74
CA ASP A 23 -11.18 5.89 33.43
C ASP A 23 -11.05 4.46 32.90
N TRP A 24 -12.09 3.98 32.22
CA TRP A 24 -12.09 2.58 31.78
C TRP A 24 -11.76 2.43 30.30
N GLY A 25 -10.93 1.44 30.00
CA GLY A 25 -10.58 1.12 28.62
C GLY A 25 -9.62 2.09 27.97
N PHE A 26 -9.20 1.76 26.75
CA PHE A 26 -8.27 2.59 25.98
C PHE A 26 -8.80 2.75 24.56
N PRO A 27 -9.58 3.83 24.31
CA PRO A 27 -10.01 4.22 22.97
C PRO A 27 -8.80 4.41 22.05
N PRO A 28 -8.95 4.08 20.76
CA PRO A 28 -7.83 4.01 19.81
C PRO A 28 -6.79 5.11 19.99
N GLU A 29 -7.18 6.37 19.77
CA GLU A 29 -6.22 7.47 19.94
C GLU A 29 -6.18 7.98 21.37
N LYS A 30 -5.50 7.19 22.19
CA LYS A 30 -5.29 7.38 23.62
C LYS A 30 -4.41 6.22 24.07
N ARG A 31 -4.28 5.21 23.20
CA ARG A 31 -3.41 4.07 23.45
C ARG A 31 -1.95 4.48 23.39
N PRO A 32 -1.19 4.23 24.48
CA PRO A 32 0.25 4.42 24.33
C PRO A 32 0.75 3.61 23.13
N ILE A 33 1.79 4.11 22.47
CA ILE A 33 2.29 3.54 21.23
C ILE A 33 2.47 2.01 21.25
N GLU A 34 3.04 1.49 22.34
CA GLU A 34 3.29 0.04 22.45
C GLU A 34 1.99 -0.79 22.45
N MET A 35 0.95 -0.24 23.06
CA MET A 35 -0.35 -0.89 23.12
C MET A 35 -1.03 -0.74 21.75
N HIS A 36 -0.79 0.41 21.13
CA HIS A 36 -1.28 0.69 19.80
C HIS A 36 -0.82 -0.37 18.80
N ILE A 37 0.49 -0.66 18.80
CA ILE A 37 1.06 -1.74 18.01
C ILE A 37 0.43 -3.09 18.34
N GLN A 38 0.36 -3.41 19.64
CA GLN A 38 -0.24 -4.68 20.07
C GLN A 38 -1.62 -4.96 19.46
N PHE A 39 -2.37 -3.89 19.24
CA PHE A 39 -3.72 -3.99 18.71
C PHE A 39 -3.85 -3.28 17.36
N GLY A 40 -2.82 -3.41 16.53
CA GLY A 40 -2.71 -2.66 15.28
C GLY A 40 -2.81 -3.45 13.99
N VAL A 41 -3.09 -2.73 12.92
CA VAL A 41 -3.12 -3.28 11.56
C VAL A 41 -2.44 -2.30 10.60
N ILE A 42 -1.60 -2.83 9.72
CA ILE A 42 -0.92 -2.03 8.71
C ILE A 42 -1.64 -2.15 7.36
N ASN A 43 -1.98 -1.01 6.78
CA ASN A 43 -2.49 -0.97 5.42
C ASN A 43 -1.30 -0.89 4.47
N LEU A 44 -0.70 -2.05 4.19
CA LEU A 44 0.53 -2.10 3.40
C LEU A 44 0.34 -2.03 1.89
N ASP A 45 1.17 -1.22 1.24
CA ASP A 45 1.29 -1.24 -0.21
C ASP A 45 2.39 -2.24 -0.56
N LYS A 46 2.00 -3.48 -0.86
CA LYS A 46 2.98 -4.50 -1.24
C LYS A 46 3.69 -4.14 -2.55
N PRO A 47 5.03 -4.18 -2.54
CA PRO A 47 5.80 -4.00 -3.76
C PRO A 47 5.82 -5.28 -4.60
N PRO A 48 6.03 -5.15 -5.92
CA PRO A 48 6.24 -6.34 -6.74
C PRO A 48 7.60 -6.95 -6.39
N GLY A 49 7.73 -8.28 -6.51
CA GLY A 49 8.97 -8.97 -6.15
C GLY A 49 8.75 -10.13 -5.20
N PRO A 50 8.80 -9.87 -3.89
CA PRO A 50 8.64 -10.90 -2.85
C PRO A 50 7.23 -11.48 -2.81
N THR A 51 7.09 -12.65 -2.20
CA THR A 51 5.77 -13.20 -1.92
C THR A 51 5.16 -12.42 -0.74
N SER A 52 3.84 -12.53 -0.57
CA SER A 52 3.18 -11.90 0.57
C SER A 52 3.74 -12.41 1.90
N HIS A 53 4.09 -13.69 1.95
CA HIS A 53 4.58 -14.31 3.19
C HIS A 53 5.97 -13.80 3.59
N GLU A 54 6.84 -13.60 2.60
CA GLU A 54 8.16 -12.99 2.81
C GLU A 54 8.05 -11.58 3.36
N VAL A 55 7.20 -10.78 2.75
CA VAL A 55 7.00 -9.41 3.18
C VAL A 55 6.63 -9.34 4.66
N VAL A 56 5.76 -10.23 5.11
CA VAL A 56 5.39 -10.26 6.54
C VAL A 56 6.56 -10.76 7.42
N ALA A 57 7.29 -11.77 6.94
CA ALA A 57 8.49 -12.22 7.63
C ALA A 57 9.49 -11.07 7.82
N TRP A 58 9.62 -10.21 6.81
CA TRP A 58 10.44 -9.00 6.98
C TRP A 58 9.85 -8.03 7.99
N ILE A 59 8.54 -7.79 7.91
CA ILE A 59 7.90 -6.89 8.86
C ILE A 59 8.12 -7.36 10.31
N LYS A 60 7.87 -8.64 10.57
CA LYS A 60 8.04 -9.19 11.92
C LYS A 60 9.47 -8.97 12.45
N LYS A 61 10.46 -9.23 11.61
CA LYS A 61 11.84 -9.14 12.05
C LYS A 61 12.30 -7.68 12.25
N ILE A 62 11.94 -6.79 11.34
CA ILE A 62 12.31 -5.38 11.47
C ILE A 62 11.57 -4.66 12.60
N LEU A 63 10.30 -5.00 12.81
CA LEU A 63 9.53 -4.31 13.85
C LEU A 63 9.61 -5.02 15.19
N ASN A 64 10.35 -6.14 15.23
CA ASN A 64 10.44 -6.97 16.43
C ASN A 64 9.07 -7.40 16.94
N LEU A 65 8.34 -8.14 16.11
CA LEU A 65 7.03 -8.66 16.48
C LEU A 65 7.09 -10.17 16.59
N GLU A 66 6.37 -10.71 17.56
CA GLU A 66 6.24 -12.16 17.69
C GLU A 66 5.30 -12.72 16.62
N LYS A 67 4.25 -11.97 16.30
CA LYS A 67 3.27 -12.43 15.31
C LYS A 67 2.63 -11.32 14.47
N ALA A 68 2.35 -11.68 13.21
CA ALA A 68 1.61 -10.83 12.29
C ALA A 68 1.06 -11.73 11.20
N GLY A 69 -0.16 -11.43 10.76
CA GLY A 69 -0.79 -12.18 9.70
C GLY A 69 -1.33 -11.29 8.61
N HIS A 70 -1.19 -11.70 7.36
CA HIS A 70 -1.77 -10.91 6.29
C HIS A 70 -3.13 -11.46 5.82
N GLY A 71 -3.92 -10.58 5.20
CA GLY A 71 -5.16 -10.99 4.53
C GLY A 71 -4.89 -11.77 3.25
N GLY A 72 -5.84 -11.72 2.32
CA GLY A 72 -5.69 -12.43 1.06
C GLY A 72 -4.31 -12.25 0.44
N THR A 73 -3.66 -13.38 0.14
CA THR A 73 -2.31 -13.38 -0.44
C THR A 73 -2.23 -12.73 -1.82
N LEU A 74 -1.37 -11.74 -1.97
CA LEU A 74 -1.04 -11.23 -3.31
C LEU A 74 0.16 -11.97 -3.90
N ASP A 75 0.11 -12.22 -5.20
CA ASP A 75 1.19 -12.85 -5.95
C ASP A 75 2.48 -12.05 -5.91
N PRO A 76 3.63 -12.72 -6.13
CA PRO A 76 4.94 -12.05 -6.13
C PRO A 76 4.99 -10.77 -7.00
N LYS A 77 4.42 -10.83 -8.21
CA LYS A 77 4.47 -9.71 -9.16
C LYS A 77 3.39 -8.64 -8.93
N VAL A 78 2.44 -8.93 -8.04
CA VAL A 78 1.31 -8.05 -7.82
C VAL A 78 1.62 -7.06 -6.69
N SER A 79 1.29 -5.80 -6.91
CA SER A 79 1.44 -4.79 -5.86
C SER A 79 0.09 -4.41 -5.24
N GLY A 80 0.13 -3.62 -4.18
CA GLY A 80 -1.07 -3.02 -3.64
C GLY A 80 -1.51 -3.41 -2.25
N VAL A 81 -2.78 -3.16 -1.97
CA VAL A 81 -3.35 -3.28 -0.62
C VAL A 81 -3.17 -4.68 -0.03
N LEU A 82 -2.35 -4.75 1.02
CA LEU A 82 -2.15 -5.96 1.77
C LEU A 82 -2.30 -5.65 3.27
N PRO A 83 -3.49 -5.94 3.84
CA PRO A 83 -3.63 -5.70 5.28
C PRO A 83 -2.75 -6.66 6.06
N VAL A 84 -2.00 -6.10 7.01
CA VAL A 84 -1.17 -6.88 7.91
C VAL A 84 -1.61 -6.59 9.36
N ALA A 85 -2.22 -7.59 9.99
CA ALA A 85 -2.68 -7.46 11.39
C ALA A 85 -1.58 -7.93 12.34
N LEU A 86 -1.36 -7.17 13.40
CA LEU A 86 -0.18 -7.38 14.25
C LEU A 86 -0.55 -7.94 15.61
N GLU A 87 0.26 -8.91 16.07
CA GLU A 87 0.26 -9.37 17.45
C GLU A 87 -1.13 -9.77 17.92
N LYS A 88 -1.65 -9.08 18.94
CA LYS A 88 -2.96 -9.42 19.51
C LYS A 88 -4.13 -9.06 18.59
N ALA A 89 -3.87 -8.32 17.50
CA ALA A 89 -4.91 -8.04 16.52
C ALA A 89 -4.92 -9.06 15.38
N THR A 90 -4.03 -10.04 15.40
CA THR A 90 -3.84 -10.90 14.23
C THR A 90 -5.14 -11.57 13.76
N ARG A 91 -6.00 -11.97 14.70
CA ARG A 91 -7.19 -12.72 14.35
C ARG A 91 -8.30 -11.91 13.67
N VAL A 92 -8.23 -10.58 13.69
CA VAL A 92 -9.21 -9.77 12.93
C VAL A 92 -9.17 -9.98 11.44
N VAL A 93 -8.08 -10.54 10.91
CA VAL A 93 -7.99 -10.79 9.48
C VAL A 93 -9.20 -11.55 9.01
N GLN A 94 -9.83 -12.32 9.92
CA GLN A 94 -11.00 -13.11 9.59
C GLN A 94 -12.21 -12.29 9.17
N ALA A 95 -12.19 -10.98 9.48
CA ALA A 95 -13.23 -10.07 9.03
C ALA A 95 -12.91 -9.58 7.62
N LEU A 96 -11.65 -9.73 7.24
CA LEU A 96 -11.10 -9.22 5.98
C LEU A 96 -11.08 -10.29 4.91
N LEU A 97 -10.42 -11.41 5.21
CA LEU A 97 -10.24 -12.48 4.23
C LEU A 97 -11.51 -12.72 3.37
N PRO A 98 -12.70 -12.80 4.00
CA PRO A 98 -13.91 -12.99 3.21
C PRO A 98 -14.54 -11.76 2.55
N ALA A 99 -14.04 -10.55 2.84
CA ALA A 99 -14.64 -9.33 2.26
C ALA A 99 -14.24 -9.16 0.80
N GLY A 100 -14.99 -8.33 0.08
CA GLY A 100 -14.74 -8.05 -1.33
C GLY A 100 -13.44 -7.29 -1.61
N LYS A 101 -12.92 -7.48 -2.82
CA LYS A 101 -11.68 -6.82 -3.24
C LYS A 101 -11.84 -6.08 -4.54
N GLU A 102 -10.96 -5.11 -4.75
CA GLU A 102 -10.90 -4.46 -6.04
C GLU A 102 -9.48 -4.51 -6.58
N TYR A 103 -9.37 -4.68 -7.89
CA TYR A 103 -8.10 -4.66 -8.61
C TYR A 103 -8.14 -3.68 -9.77
N VAL A 104 -6.99 -3.09 -10.08
CA VAL A 104 -6.73 -2.53 -11.40
C VAL A 104 -5.86 -3.52 -12.18
N ALA A 105 -6.32 -3.89 -13.37
CA ALA A 105 -5.60 -4.86 -14.20
C ALA A 105 -5.28 -4.31 -15.58
N LEU A 106 -4.15 -4.74 -16.13
CA LEU A 106 -3.84 -4.52 -17.53
C LEU A 106 -3.88 -5.86 -18.26
N MET A 107 -4.84 -5.97 -19.16
CA MET A 107 -5.02 -7.14 -20.00
C MET A 107 -4.39 -6.88 -21.37
N HIS A 108 -3.59 -7.85 -21.86
CA HIS A 108 -3.07 -7.78 -23.22
C HIS A 108 -3.81 -8.75 -24.15
N LEU A 109 -4.51 -8.20 -25.15
CA LEU A 109 -5.20 -9.02 -26.13
C LEU A 109 -4.22 -9.57 -27.19
N HIS A 110 -4.44 -10.81 -27.64
CA HIS A 110 -3.55 -11.45 -28.62
C HIS A 110 -4.01 -11.19 -30.07
N GLY A 111 -4.92 -10.25 -30.25
CA GLY A 111 -5.42 -9.91 -31.58
C GLY A 111 -6.24 -8.65 -31.50
N ASP A 112 -6.46 -8.00 -32.63
CA ASP A 112 -7.14 -6.73 -32.65
C ASP A 112 -8.64 -6.89 -32.53
N VAL A 113 -9.24 -6.03 -31.71
CA VAL A 113 -10.66 -6.04 -31.44
C VAL A 113 -11.06 -4.58 -31.33
N PRO A 114 -12.17 -4.18 -31.98
CA PRO A 114 -12.71 -2.83 -31.77
C PRO A 114 -13.04 -2.52 -30.29
N GLU A 115 -12.81 -1.28 -29.92
CA GLU A 115 -13.01 -0.82 -28.56
C GLU A 115 -14.44 -1.04 -28.08
N ASP A 116 -15.42 -0.86 -28.97
CA ASP A 116 -16.83 -1.04 -28.63
C ASP A 116 -17.14 -2.47 -28.15
N LYS A 117 -16.57 -3.44 -28.86
CA LYS A 117 -16.72 -4.88 -28.58
C LYS A 117 -16.15 -5.27 -27.20
N ILE A 118 -14.92 -4.82 -26.96
CA ILE A 118 -14.23 -5.06 -25.70
C ILE A 118 -15.12 -4.66 -24.52
N ILE A 119 -15.63 -3.44 -24.54
CA ILE A 119 -16.51 -2.95 -23.48
C ILE A 119 -17.80 -3.79 -23.36
N GLN A 120 -18.46 -4.03 -24.50
CA GLN A 120 -19.61 -4.93 -24.60
C GLN A 120 -19.40 -6.24 -23.86
N VAL A 121 -18.36 -6.97 -24.26
CA VAL A 121 -18.12 -8.33 -23.79
C VAL A 121 -17.72 -8.36 -22.32
N MET A 122 -16.89 -7.41 -21.90
CA MET A 122 -16.45 -7.35 -20.51
C MET A 122 -17.63 -7.07 -19.58
N LYS A 123 -18.57 -6.27 -20.06
CA LYS A 123 -19.79 -5.96 -19.33
C LYS A 123 -20.56 -7.24 -19.01
N GLU A 124 -20.52 -8.22 -19.92
CA GLU A 124 -21.25 -9.49 -19.78
C GLU A 124 -20.70 -10.39 -18.65
N PHE A 125 -19.49 -10.09 -18.20
CA PHE A 125 -18.84 -10.86 -17.13
C PHE A 125 -19.24 -10.46 -15.70
N GLU A 126 -19.93 -9.33 -15.55
CA GLU A 126 -20.47 -8.96 -14.23
C GLU A 126 -21.49 -10.00 -13.80
N GLY A 127 -21.44 -10.39 -12.53
CA GLY A 127 -22.29 -11.47 -12.02
C GLY A 127 -21.48 -12.67 -11.63
N GLU A 128 -22.13 -13.83 -11.60
CA GLU A 128 -21.48 -15.06 -11.20
C GLU A 128 -20.57 -15.61 -12.28
N ILE A 129 -19.43 -16.16 -11.84
CA ILE A 129 -18.54 -16.91 -12.72
C ILE A 129 -18.14 -18.21 -12.07
N ILE A 130 -17.96 -19.22 -12.91
CA ILE A 130 -17.51 -20.52 -12.45
C ILE A 130 -16.03 -20.64 -12.79
N GLN A 131 -15.22 -21.02 -11.81
CA GLN A 131 -13.79 -21.23 -12.05
C GLN A 131 -13.19 -22.35 -11.21
N ARG A 132 -12.02 -22.82 -11.64
CA ARG A 132 -11.23 -23.77 -10.87
C ARG A 132 -9.90 -23.10 -10.55
N PRO A 133 -9.51 -23.12 -9.26
CA PRO A 133 -8.23 -22.56 -8.84
C PRO A 133 -7.07 -23.13 -9.67
N PRO A 134 -6.10 -22.28 -10.02
CA PRO A 134 -5.01 -22.67 -10.92
C PRO A 134 -4.03 -23.59 -10.22
N LEU A 135 -3.03 -24.07 -10.95
CA LEU A 135 -1.96 -24.89 -10.38
C LEU A 135 -1.29 -24.20 -9.19
N ARG A 136 -0.87 -22.94 -9.37
CA ARG A 136 -0.23 -22.18 -8.30
C ARG A 136 -1.33 -21.64 -7.37
N SER A 137 -1.61 -22.42 -6.33
CA SER A 137 -2.83 -22.29 -5.57
C SER A 137 -2.62 -22.76 -4.12
N ALA A 138 -3.15 -22.00 -3.16
CA ALA A 138 -3.06 -22.38 -1.74
C ALA A 138 -4.30 -23.15 -1.28
N VAL A 139 -5.15 -23.50 -2.24
CA VAL A 139 -6.53 -23.88 -1.97
C VAL A 139 -6.90 -25.11 -2.85
N LYS A 140 -7.93 -25.86 -2.45
CA LYS A 140 -8.34 -27.03 -3.23
C LYS A 140 -8.76 -26.66 -4.66
N ARG A 141 -8.17 -27.34 -5.62
CA ARG A 141 -8.38 -27.05 -7.03
C ARG A 141 -9.69 -27.67 -7.54
N ARG A 142 -10.80 -27.29 -6.90
CA ARG A 142 -12.11 -27.75 -7.31
C ARG A 142 -12.95 -26.59 -7.84
N LEU A 143 -13.93 -26.94 -8.66
CA LEU A 143 -14.81 -25.99 -9.32
C LEU A 143 -15.61 -25.21 -8.28
N ARG A 144 -15.79 -23.91 -8.52
CA ARG A 144 -16.53 -23.06 -7.59
C ARG A 144 -17.06 -21.80 -8.25
N THR A 145 -18.08 -21.22 -7.63
CA THR A 145 -18.70 -20.03 -8.19
C THR A 145 -18.33 -18.79 -7.36
N ARG A 146 -18.12 -17.66 -8.03
CA ARG A 146 -17.71 -16.45 -7.35
C ARG A 146 -18.30 -15.22 -8.06
N LYS A 147 -18.54 -14.16 -7.32
CA LYS A 147 -19.14 -12.95 -7.88
C LYS A 147 -18.13 -11.92 -8.38
N VAL A 148 -18.35 -11.44 -9.61
CA VAL A 148 -17.72 -10.23 -10.09
C VAL A 148 -18.73 -9.13 -9.86
N TYR A 149 -18.43 -8.19 -8.96
CA TYR A 149 -19.41 -7.14 -8.63
C TYR A 149 -19.48 -6.04 -9.69
N TYR A 150 -18.37 -5.75 -10.35
CA TYR A 150 -18.32 -4.76 -11.41
C TYR A 150 -17.04 -4.83 -12.22
N ILE A 151 -17.11 -4.37 -13.45
CA ILE A 151 -15.94 -4.17 -14.29
C ILE A 151 -16.03 -2.76 -14.85
N GLU A 152 -14.95 -2.00 -14.72
CA GLU A 152 -14.90 -0.70 -15.36
C GLU A 152 -13.65 -0.60 -16.22
N VAL A 153 -13.84 -0.48 -17.53
CA VAL A 153 -12.76 -0.22 -18.47
C VAL A 153 -12.35 1.24 -18.36
N LEU A 154 -11.07 1.48 -18.12
CA LEU A 154 -10.55 2.83 -17.92
C LEU A 154 -9.97 3.38 -19.21
N GLU A 155 -9.23 2.53 -19.94
CA GLU A 155 -8.50 2.92 -21.14
C GLU A 155 -8.19 1.71 -22.02
N ILE A 156 -8.35 1.89 -23.33
CA ILE A 156 -7.86 0.93 -24.29
C ILE A 156 -6.80 1.59 -25.16
N GLU A 157 -5.63 0.98 -25.24
CA GLU A 157 -4.59 1.41 -26.18
C GLU A 157 -4.18 0.24 -27.07
N GLY A 158 -4.87 0.11 -28.20
CA GLY A 158 -4.63 -0.97 -29.15
C GLY A 158 -5.02 -2.28 -28.51
N ARG A 159 -4.02 -3.10 -28.22
CA ARG A 159 -4.22 -4.42 -27.64
C ARG A 159 -4.18 -4.44 -26.11
N ASP A 160 -3.90 -3.28 -25.51
CA ASP A 160 -3.86 -3.16 -24.04
C ASP A 160 -5.16 -2.59 -23.49
N VAL A 161 -5.73 -3.30 -22.54
CA VAL A 161 -6.97 -2.88 -21.90
C VAL A 161 -6.72 -2.72 -20.40
N LEU A 162 -6.92 -1.50 -19.93
CA LEU A 162 -6.76 -1.20 -18.52
C LEU A 162 -8.15 -1.14 -17.89
N PHE A 163 -8.37 -1.91 -16.82
CA PHE A 163 -9.68 -1.93 -16.19
C PHE A 163 -9.65 -2.13 -14.68
N ARG A 164 -10.68 -1.64 -14.00
CA ARG A 164 -10.92 -1.91 -12.59
C ARG A 164 -11.93 -3.03 -12.48
N VAL A 165 -11.77 -3.88 -11.48
CA VAL A 165 -12.72 -4.96 -11.27
C VAL A 165 -12.96 -5.15 -9.77
N GLY A 166 -14.23 -5.28 -9.39
CA GLY A 166 -14.59 -5.58 -8.00
C GLY A 166 -15.05 -7.02 -7.92
N VAL A 167 -14.51 -7.76 -6.95
CA VAL A 167 -14.79 -9.18 -6.85
C VAL A 167 -14.96 -9.68 -5.42
N GLU A 168 -15.66 -10.80 -5.31
CA GLU A 168 -15.76 -11.59 -4.11
C GLU A 168 -14.38 -12.13 -3.76
N ALA A 169 -14.15 -12.40 -2.49
CA ALA A 169 -12.93 -13.04 -2.04
C ALA A 169 -12.75 -14.42 -2.71
N GLY A 170 -11.52 -14.79 -3.06
CA GLY A 170 -11.28 -16.05 -3.73
C GLY A 170 -11.52 -16.09 -5.25
N THR A 171 -11.72 -14.93 -5.89
CA THR A 171 -11.87 -14.85 -7.35
C THR A 171 -10.49 -14.73 -8.02
N TYR A 172 -10.17 -15.62 -8.96
CA TYR A 172 -8.86 -15.61 -9.61
C TYR A 172 -8.89 -14.72 -10.85
N ILE A 173 -8.03 -13.71 -10.88
CA ILE A 173 -8.08 -12.69 -11.93
C ILE A 173 -7.47 -13.14 -13.27
N ARG A 174 -6.38 -13.90 -13.22
CA ARG A 174 -5.80 -14.48 -14.44
C ARG A 174 -6.84 -15.27 -15.19
N SER A 175 -7.52 -16.16 -14.47
CA SER A 175 -8.56 -16.99 -15.06
C SER A 175 -9.63 -16.15 -15.75
N LEU A 176 -10.11 -15.11 -15.07
CA LEU A 176 -11.13 -14.19 -15.63
C LEU A 176 -10.70 -13.53 -16.94
N ILE A 177 -9.47 -13.03 -16.98
CA ILE A 177 -8.92 -12.43 -18.19
C ILE A 177 -8.79 -13.46 -19.32
N HIS A 178 -8.40 -14.68 -18.99
CA HIS A 178 -8.36 -15.76 -19.98
C HIS A 178 -9.73 -15.99 -20.66
N HIS A 179 -10.78 -15.98 -19.86
CA HIS A 179 -12.12 -16.23 -20.35
C HIS A 179 -12.70 -15.06 -21.15
N ILE A 180 -12.31 -13.84 -20.79
CA ILE A 180 -12.61 -12.64 -21.59
C ILE A 180 -11.94 -12.75 -22.96
N GLY A 181 -10.68 -13.19 -22.98
CA GLY A 181 -9.94 -13.44 -24.23
C GLY A 181 -10.63 -14.45 -25.14
N LEU A 182 -11.14 -15.51 -24.55
CA LEU A 182 -11.88 -16.54 -25.28
C LEU A 182 -13.24 -16.04 -25.80
N ALA A 183 -13.94 -15.25 -24.98
CA ALA A 183 -15.19 -14.63 -25.39
C ALA A 183 -14.95 -13.69 -26.57
N LEU A 184 -13.80 -13.03 -26.57
CA LEU A 184 -13.43 -12.15 -27.69
C LEU A 184 -12.84 -12.93 -28.88
N GLY A 185 -12.62 -14.23 -28.68
CA GLY A 185 -12.04 -15.08 -29.70
C GLY A 185 -10.52 -15.01 -29.80
N VAL A 186 -9.99 -13.79 -29.79
CA VAL A 186 -8.54 -13.56 -30.04
C VAL A 186 -7.61 -14.05 -28.93
N GLY A 187 -8.14 -14.30 -27.73
CA GLY A 187 -7.30 -14.69 -26.60
C GLY A 187 -6.71 -13.47 -25.89
N ALA A 188 -6.28 -13.67 -24.64
CA ALA A 188 -5.73 -12.59 -23.82
C ALA A 188 -4.91 -13.14 -22.68
N HIS A 189 -4.00 -12.31 -22.16
CA HIS A 189 -3.37 -12.63 -20.89
C HIS A 189 -3.25 -11.37 -20.05
N MET A 190 -2.93 -11.56 -18.77
CA MET A 190 -2.76 -10.50 -17.82
C MET A 190 -1.31 -10.10 -17.77
N SER A 191 -1.01 -8.83 -17.97
CA SER A 191 0.38 -8.38 -17.92
C SER A 191 0.75 -7.62 -16.66
N GLU A 192 -0.25 -7.17 -15.89
CA GLU A 192 -0.04 -6.30 -14.73
C GLU A 192 -1.29 -6.26 -13.84
N LEU A 193 -1.07 -6.31 -12.54
CA LEU A 193 -2.17 -6.37 -11.58
C LEU A 193 -1.81 -5.64 -10.31
N ARG A 194 -2.77 -4.89 -9.79
CA ARG A 194 -2.58 -4.17 -8.54
C ARG A 194 -3.88 -4.23 -7.73
N ARG A 195 -3.79 -4.62 -6.46
CA ARG A 195 -4.99 -4.58 -5.61
C ARG A 195 -5.17 -3.17 -5.06
N THR A 196 -6.36 -2.61 -5.29
CA THR A 196 -6.64 -1.24 -4.87
C THR A 196 -7.53 -1.20 -3.62
N ARG A 197 -8.09 -2.34 -3.25
CA ARG A 197 -8.98 -2.40 -2.12
C ARG A 197 -9.20 -3.80 -1.56
N SER A 198 -9.18 -3.89 -0.24
CA SER A 198 -9.62 -5.09 0.47
C SER A 198 -10.51 -4.68 1.66
N GLY A 199 -11.82 -4.90 1.48
CA GLY A 199 -12.79 -4.54 2.51
C GLY A 199 -12.68 -3.06 2.84
N PRO A 200 -12.48 -2.74 4.12
CA PRO A 200 -12.27 -1.35 4.53
C PRO A 200 -10.91 -0.75 4.19
N PHE A 201 -9.97 -1.56 3.67
CA PHE A 201 -8.63 -1.08 3.35
C PHE A 201 -8.54 -0.62 1.90
N LYS A 202 -8.32 0.69 1.74
CA LYS A 202 -8.34 1.36 0.45
C LYS A 202 -7.04 2.11 0.22
N GLU A 203 -6.95 2.71 -0.97
CA GLU A 203 -5.84 3.60 -1.33
C GLU A 203 -6.10 5.01 -0.81
N ASP A 204 -5.79 5.24 0.46
CA ASP A 204 -5.93 6.54 1.07
C ASP A 204 -4.63 6.89 1.79
N GLU A 205 -4.66 7.85 2.70
CA GLU A 205 -3.45 8.23 3.44
C GLU A 205 -2.90 7.16 4.41
N THR A 206 -3.74 6.22 4.83
CA THR A 206 -3.29 5.11 5.67
C THR A 206 -2.46 4.05 4.91
N LEU A 207 -2.54 4.05 3.57
CA LEU A 207 -1.78 3.10 2.76
C LEU A 207 -0.30 3.44 2.81
N ILE A 208 0.52 2.48 3.21
CA ILE A 208 1.93 2.78 3.46
C ILE A 208 2.89 1.78 2.82
N THR A 209 3.99 2.29 2.29
CA THR A 209 5.01 1.45 1.67
C THR A 209 5.93 0.87 2.74
N LEU A 210 6.62 -0.21 2.38
CA LEU A 210 7.63 -0.78 3.26
C LEU A 210 8.67 0.26 3.69
N HIS A 211 9.17 1.03 2.73
CA HIS A 211 10.16 2.06 3.00
C HIS A 211 9.68 3.02 4.06
N ASP A 212 8.49 3.57 3.89
CA ASP A 212 7.95 4.51 4.87
C ASP A 212 7.71 3.82 6.21
N LEU A 213 7.31 2.56 6.16
CA LEU A 213 7.05 1.81 7.37
C LEU A 213 8.33 1.63 8.20
N VAL A 214 9.43 1.20 7.57
CA VAL A 214 10.64 0.94 8.35
C VAL A 214 11.29 2.25 8.73
N ASP A 215 11.24 3.24 7.84
CA ASP A 215 11.78 4.56 8.15
C ASP A 215 11.08 5.21 9.33
N TYR A 216 9.75 5.15 9.37
CA TYR A 216 8.99 5.71 10.48
C TYR A 216 9.22 4.96 11.78
N TYR A 217 9.47 3.65 11.67
CA TYR A 217 9.82 2.81 12.81
C TYR A 217 11.14 3.30 13.43
N TYR A 218 12.14 3.52 12.58
CA TYR A 218 13.42 4.06 13.01
C TYR A 218 13.34 5.50 13.53
N PHE A 219 12.49 6.35 12.93
CA PHE A 219 12.28 7.68 13.51
C PHE A 219 11.75 7.57 14.93
N TRP A 220 10.91 6.56 15.18
CA TRP A 220 10.40 6.33 16.53
C TRP A 220 11.46 5.71 17.43
N LYS A 221 11.95 4.53 17.05
CA LYS A 221 12.91 3.76 17.83
C LYS A 221 14.21 4.52 18.10
N GLU A 222 14.74 5.14 17.06
CA GLU A 222 16.08 5.72 17.12
C GLU A 222 16.17 7.24 17.25
N ASP A 223 15.09 7.94 16.89
CA ASP A 223 15.02 9.39 16.96
C ASP A 223 14.06 9.88 18.05
N GLY A 224 13.22 8.97 18.56
CA GLY A 224 12.25 9.30 19.59
C GLY A 224 11.00 10.03 19.11
N ILE A 225 10.79 10.04 17.79
CA ILE A 225 9.60 10.69 17.20
C ILE A 225 8.47 9.68 16.96
N GLU A 226 7.41 9.80 17.75
CA GLU A 226 6.31 8.84 17.77
C GLU A 226 5.28 9.04 16.62
N GLU A 227 5.07 10.28 16.21
CA GLU A 227 4.02 10.70 15.25
C GLU A 227 3.84 9.85 14.00
N TYR A 228 4.94 9.63 13.28
CA TYR A 228 4.88 9.02 11.96
C TYR A 228 4.53 7.53 12.02
N PHE A 229 5.24 6.80 12.87
CA PHE A 229 5.01 5.38 13.02
C PHE A 229 3.62 5.13 13.58
N ARG A 230 3.16 6.08 14.41
CA ARG A 230 1.80 6.02 14.96
C ARG A 230 0.73 6.03 13.85
N LYS A 231 0.89 6.91 12.87
CA LYS A 231 0.02 6.96 11.71
C LYS A 231 0.22 5.82 10.73
N ALA A 232 1.38 5.18 10.77
CA ALA A 232 1.67 3.99 9.97
C ALA A 232 0.83 2.78 10.39
N ILE A 233 0.45 2.74 11.66
CA ILE A 233 -0.31 1.63 12.24
C ILE A 233 -1.74 2.08 12.47
N GLN A 234 -2.71 1.32 11.98
CA GLN A 234 -4.13 1.59 12.25
C GLN A 234 -4.61 0.76 13.44
N PRO A 235 -5.57 1.31 14.22
CA PRO A 235 -6.19 0.52 15.28
C PRO A 235 -6.94 -0.65 14.66
N MET A 236 -6.98 -1.79 15.35
CA MET A 236 -7.70 -2.97 14.85
C MET A 236 -9.16 -2.69 14.48
N GLU A 237 -9.71 -1.61 15.05
CA GLU A 237 -11.08 -1.17 14.79
C GLU A 237 -11.33 -0.89 13.30
N LYS A 238 -10.33 -0.32 12.62
CA LYS A 238 -10.36 -0.12 11.17
C LYS A 238 -10.73 -1.40 10.41
N ALA A 239 -10.15 -2.54 10.83
CA ALA A 239 -10.41 -3.82 10.16
C ALA A 239 -11.85 -4.28 10.32
N VAL A 240 -12.64 -3.47 11.01
CA VAL A 240 -14.00 -3.81 11.36
C VAL A 240 -15.05 -2.75 10.90
N GLU A 241 -14.59 -1.74 10.15
CA GLU A 241 -15.43 -0.62 9.71
C GLU A 241 -16.59 -1.02 8.78
N HIS A 242 -16.37 -2.09 8.01
CA HIS A 242 -17.36 -2.59 7.07
C HIS A 242 -18.41 -3.50 7.72
N LEU A 243 -18.23 -3.79 9.00
CA LEU A 243 -19.11 -4.74 9.67
C LEU A 243 -20.30 -4.03 10.36
N PRO A 244 -21.46 -4.71 10.45
CA PRO A 244 -22.50 -4.15 11.32
C PRO A 244 -22.09 -4.20 12.79
N LYS A 245 -22.39 -3.15 13.53
CA LYS A 245 -21.95 -3.04 14.92
C LYS A 245 -23.10 -2.98 15.92
N VAL A 246 -22.82 -3.44 17.13
CA VAL A 246 -23.66 -3.11 18.27
C VAL A 246 -22.78 -2.57 19.38
N TRP A 247 -23.21 -1.43 19.92
CA TRP A 247 -22.46 -0.76 20.96
C TRP A 247 -23.05 -1.14 22.31
N ILE A 248 -22.18 -1.43 23.27
CA ILE A 248 -22.65 -1.96 24.54
C ILE A 248 -22.28 -1.07 25.74
N LYS A 249 -23.09 -1.19 26.79
CA LYS A 249 -22.86 -0.48 28.06
C LYS A 249 -21.59 -0.96 28.75
N ASP A 250 -20.95 -0.04 29.47
CA ASP A 250 -19.77 -0.29 30.30
C ASP A 250 -19.90 -1.54 31.18
N SER A 251 -21.08 -1.73 31.76
CA SER A 251 -21.35 -2.86 32.67
C SER A 251 -21.46 -4.23 31.99
N ALA A 252 -21.57 -4.26 30.66
CA ALA A 252 -21.58 -5.53 29.92
C ALA A 252 -20.19 -5.94 29.38
N VAL A 253 -19.27 -4.98 29.32
CA VAL A 253 -18.02 -5.15 28.60
C VAL A 253 -17.13 -6.27 29.16
N ALA A 254 -16.87 -6.24 30.48
CA ALA A 254 -15.96 -7.22 31.07
C ALA A 254 -16.51 -8.62 30.95
N ALA A 255 -17.83 -8.73 31.09
CA ALA A 255 -18.50 -10.01 30.97
C ALA A 255 -18.26 -10.60 29.59
N VAL A 256 -18.58 -9.81 28.56
CA VAL A 256 -18.33 -10.22 27.18
C VAL A 256 -16.87 -10.62 26.99
N THR A 257 -15.92 -9.87 27.55
CA THR A 257 -14.51 -10.28 27.42
C THR A 257 -14.19 -11.58 28.15
N HIS A 258 -15.04 -11.96 29.09
CA HIS A 258 -14.87 -13.22 29.82
C HIS A 258 -15.64 -14.35 29.16
N GLY A 259 -16.20 -14.06 27.97
CA GLY A 259 -16.93 -15.04 27.19
C GLY A 259 -18.40 -15.12 27.50
N ALA A 260 -18.98 -14.10 28.14
CA ALA A 260 -20.43 -14.04 28.22
C ALA A 260 -21.02 -13.71 26.85
N ASP A 261 -22.10 -14.38 26.48
CA ASP A 261 -22.89 -13.95 25.35
C ASP A 261 -23.57 -12.63 25.70
N LEU A 262 -23.85 -11.84 24.67
CA LEU A 262 -24.38 -10.51 24.86
C LEU A 262 -25.90 -10.56 24.88
N ALA A 263 -26.47 -10.17 26.01
CA ALA A 263 -27.90 -10.06 26.13
C ALA A 263 -28.38 -8.64 25.83
N VAL A 264 -29.64 -8.57 25.41
CA VAL A 264 -30.31 -7.32 25.07
C VAL A 264 -30.12 -6.15 26.08
N PRO A 265 -30.18 -6.41 27.42
CA PRO A 265 -29.97 -5.32 28.39
C PRO A 265 -28.56 -4.71 28.44
N GLY A 266 -27.62 -5.30 27.73
CA GLY A 266 -26.28 -4.73 27.62
C GLY A 266 -26.12 -3.76 26.46
N ILE A 267 -27.12 -3.70 25.57
CA ILE A 267 -27.00 -2.91 24.34
C ILE A 267 -27.35 -1.44 24.56
N ALA A 268 -26.48 -0.54 24.09
CA ALA A 268 -26.76 0.88 24.14
C ALA A 268 -27.22 1.41 22.76
N LYS A 269 -26.54 0.94 21.71
CA LYS A 269 -26.81 1.29 20.30
C LYS A 269 -26.54 0.08 19.41
N LEU A 270 -27.05 0.14 18.19
CA LEU A 270 -26.80 -0.88 17.18
C LEU A 270 -27.09 -0.33 15.77
N HIS A 271 -26.44 -0.90 14.75
CA HIS A 271 -26.81 -0.61 13.36
C HIS A 271 -28.17 -1.18 13.01
N ALA A 272 -28.88 -0.48 12.13
CA ALA A 272 -30.10 -0.99 11.50
C ALA A 272 -29.75 -2.07 10.50
N GLY A 273 -30.63 -3.05 10.34
CA GLY A 273 -30.52 -4.02 9.25
C GLY A 273 -29.73 -5.29 9.51
N ILE A 274 -29.34 -5.49 10.77
CA ILE A 274 -28.72 -6.75 11.18
C ILE A 274 -29.76 -7.88 11.11
N LYS A 275 -29.39 -8.96 10.42
CA LYS A 275 -30.21 -10.18 10.36
C LYS A 275 -29.58 -11.29 11.18
N ARG A 276 -30.38 -12.27 11.57
CA ARG A 276 -29.89 -13.45 12.31
C ARG A 276 -28.81 -14.19 11.52
N GLY A 277 -27.74 -14.56 12.22
CA GLY A 277 -26.61 -15.26 11.63
C GLY A 277 -25.51 -14.35 11.09
N ASP A 278 -25.78 -13.05 11.00
CA ASP A 278 -24.78 -12.11 10.49
C ASP A 278 -23.59 -11.94 11.44
N LEU A 279 -22.39 -11.81 10.87
CA LEU A 279 -21.21 -11.45 11.63
C LEU A 279 -21.30 -9.99 12.11
N VAL A 280 -21.11 -9.77 13.41
CA VAL A 280 -21.22 -8.42 13.97
C VAL A 280 -19.99 -8.08 14.80
N ALA A 281 -19.67 -6.80 14.88
CA ALA A 281 -18.64 -6.33 15.78
C ALA A 281 -19.28 -5.70 17.02
N ILE A 282 -18.83 -6.14 18.20
CA ILE A 282 -19.34 -5.60 19.46
C ILE A 282 -18.39 -4.51 19.92
N MET A 283 -18.91 -3.30 20.08
CA MET A 283 -18.09 -2.13 20.38
C MET A 283 -18.41 -1.51 21.75
N THR A 284 -17.44 -0.84 22.37
CA THR A 284 -17.76 -0.03 23.55
C THR A 284 -18.31 1.31 23.11
N LEU A 285 -18.84 2.06 24.07
CA LEU A 285 -19.27 3.43 23.84
C LEU A 285 -18.11 4.39 23.49
N LYS A 286 -16.87 3.92 23.67
CA LYS A 286 -15.70 4.64 23.22
C LYS A 286 -15.26 4.18 21.82
N ASP A 287 -16.08 3.32 21.20
CA ASP A 287 -15.76 2.73 19.88
C ASP A 287 -14.48 1.86 19.91
N GLU A 288 -14.31 1.11 21.00
CA GLU A 288 -13.25 0.10 21.07
C GLU A 288 -13.83 -1.22 20.57
N LEU A 289 -13.04 -2.01 19.85
CA LEU A 289 -13.47 -3.34 19.47
C LEU A 289 -13.36 -4.28 20.67
N VAL A 290 -14.51 -4.79 21.12
CA VAL A 290 -14.57 -5.76 22.20
C VAL A 290 -14.39 -7.16 21.62
N ALA A 291 -15.29 -7.52 20.70
CA ALA A 291 -15.42 -8.88 20.23
C ALA A 291 -16.14 -8.98 18.87
N LEU A 292 -16.02 -10.15 18.25
CA LEU A 292 -16.75 -10.49 17.07
C LEU A 292 -17.78 -11.51 17.48
N GLY A 293 -18.93 -11.47 16.82
CA GLY A 293 -19.98 -12.37 17.19
C GLY A 293 -20.96 -12.61 16.07
N LYS A 294 -21.95 -13.44 16.37
CA LYS A 294 -22.99 -13.82 15.44
C LYS A 294 -24.34 -13.39 16.02
N ALA A 295 -25.09 -12.66 15.21
CA ALA A 295 -26.39 -12.14 15.59
C ALA A 295 -27.37 -13.29 15.82
N MET A 296 -28.07 -13.24 16.95
CA MET A 296 -29.09 -14.23 17.27
C MET A 296 -30.46 -13.60 17.06
N MET A 297 -30.47 -12.28 16.94
CA MET A 297 -31.68 -11.51 16.69
C MET A 297 -31.47 -10.53 15.53
N THR A 298 -32.58 -9.97 15.04
CA THR A 298 -32.52 -8.89 14.05
C THR A 298 -32.39 -7.57 14.77
N SER A 299 -31.95 -6.54 14.07
CA SER A 299 -31.87 -5.19 14.62
C SER A 299 -33.15 -4.79 15.38
N GLN A 300 -34.32 -4.97 14.75
CA GLN A 300 -35.59 -4.60 15.37
C GLN A 300 -35.94 -5.39 16.64
N GLU A 301 -35.56 -6.67 16.68
CA GLU A 301 -35.80 -7.52 17.86
C GLU A 301 -34.95 -7.07 19.04
N MET A 302 -33.66 -6.82 18.79
CA MET A 302 -32.76 -6.30 19.82
C MET A 302 -33.30 -4.99 20.40
N LEU A 303 -33.88 -4.18 19.52
CA LEU A 303 -34.45 -2.89 19.88
C LEU A 303 -35.76 -3.02 20.66
N GLU A 304 -36.62 -3.96 20.27
CA GLU A 304 -37.95 -4.07 20.86
C GLU A 304 -37.96 -4.83 22.19
N LYS A 305 -37.00 -5.74 22.39
CA LYS A 305 -37.03 -6.65 23.53
C LYS A 305 -36.27 -6.14 24.76
N THR A 306 -36.48 -6.81 25.90
CA THR A 306 -35.85 -6.44 27.16
C THR A 306 -35.00 -7.58 27.76
N LYS A 307 -35.14 -8.79 27.23
CA LYS A 307 -34.34 -9.94 27.67
C LYS A 307 -34.04 -10.91 26.51
N GLY A 308 -33.03 -11.78 26.70
CA GLY A 308 -32.64 -12.77 25.69
C GLY A 308 -31.26 -12.54 25.08
N ILE A 309 -30.69 -13.56 24.46
CA ILE A 309 -29.35 -13.45 23.86
C ILE A 309 -29.41 -12.74 22.50
N ALA A 310 -28.75 -11.59 22.42
CA ALA A 310 -28.70 -10.81 21.20
C ALA A 310 -27.58 -11.28 20.27
N VAL A 311 -26.40 -11.50 20.82
CA VAL A 311 -25.23 -11.85 20.03
C VAL A 311 -24.45 -12.97 20.71
N ASP A 312 -24.14 -14.00 19.93
CA ASP A 312 -23.29 -15.09 20.36
C ASP A 312 -21.85 -14.61 20.24
N VAL A 313 -21.16 -14.49 21.37
CA VAL A 313 -19.79 -14.03 21.37
C VAL A 313 -18.79 -15.14 21.00
N GLU A 314 -18.07 -14.95 19.90
CA GLU A 314 -17.18 -15.99 19.37
C GLU A 314 -15.68 -15.67 19.35
N LYS A 315 -15.33 -14.40 19.25
CA LYS A 315 -13.92 -14.00 19.19
C LYS A 315 -13.74 -12.76 20.03
N VAL A 316 -12.88 -12.84 21.04
CA VAL A 316 -12.71 -11.72 21.94
C VAL A 316 -11.33 -11.15 21.74
N PHE A 317 -11.28 -9.85 21.49
CA PHE A 317 -10.02 -9.13 21.25
C PHE A 317 -9.58 -8.26 22.43
N MET A 318 -10.55 -7.68 23.12
CA MET A 318 -10.23 -6.76 24.22
C MET A 318 -9.79 -7.51 25.49
N PRO A 319 -8.65 -7.11 26.08
CA PRO A 319 -8.16 -7.80 27.30
C PRO A 319 -9.15 -7.74 28.45
N ARG A 320 -9.11 -8.75 29.33
CA ARG A 320 -10.09 -8.84 30.41
C ARG A 320 -10.01 -7.77 31.49
N ASP A 321 -8.87 -7.09 31.59
CA ASP A 321 -8.66 -6.11 32.66
C ASP A 321 -8.88 -4.64 32.26
N TRP A 322 -9.38 -4.39 31.05
CA TRP A 322 -9.60 -3.00 30.62
C TRP A 322 -10.83 -2.39 31.28
N TYR A 323 -11.85 -3.22 31.50
CA TYR A 323 -13.03 -2.77 32.23
C TYR A 323 -13.16 -3.65 33.48
N PRO A 324 -13.74 -3.10 34.56
CA PRO A 324 -13.95 -3.88 35.79
C PRO A 324 -15.11 -4.86 35.66
N LYS A 325 -15.03 -5.94 36.43
CA LYS A 325 -16.06 -6.98 36.43
C LYS A 325 -17.25 -6.49 37.22
N LEU A 326 -18.14 -5.82 36.52
CA LEU A 326 -19.28 -5.12 37.10
C LEU A 326 -20.43 -6.04 37.49
N TRP A 327 -20.45 -7.26 36.97
CA TRP A 327 -21.51 -8.22 37.31
C TRP A 327 -21.46 -8.67 38.78
N PHE B 1 6.85 -1.92 -16.18
CA PHE B 1 5.48 -1.66 -15.62
C PHE B 1 4.82 -0.50 -16.33
N ARG B 2 3.63 -0.73 -16.85
CA ARG B 2 2.95 0.27 -17.68
C ARG B 2 1.87 1.07 -16.92
N ILE B 3 1.33 0.51 -15.84
CA ILE B 3 0.27 1.16 -15.06
C ILE B 3 0.79 2.41 -14.33
N ARG B 4 0.12 3.54 -14.56
CA ARG B 4 0.47 4.81 -13.93
C ARG B 4 -0.75 5.34 -13.20
N LYS B 5 -0.54 6.32 -12.32
CA LYS B 5 -1.66 6.98 -11.67
C LYS B 5 -1.35 8.45 -11.34
N CYS B 6 -2.36 9.33 -11.44
CA CYS B 6 -2.14 10.77 -11.11
C CYS B 6 -2.08 10.97 -9.60
N PRO B 7 -1.00 11.62 -9.13
CA PRO B 7 -0.84 11.94 -7.70
C PRO B 7 -1.92 12.90 -7.20
N LYS B 8 -2.61 13.55 -8.12
CA LYS B 8 -3.64 14.53 -7.74
C LYS B 8 -5.05 13.91 -7.80
N CYS B 9 -5.46 13.51 -9.01
CA CYS B 9 -6.73 12.83 -9.32
C CYS B 9 -6.83 11.46 -8.55
N GLY B 10 -5.76 10.68 -8.52
CA GLY B 10 -5.85 9.26 -8.12
C GLY B 10 -6.23 8.33 -9.27
N ARG B 11 -6.44 8.90 -10.45
CA ARG B 11 -6.84 8.17 -11.64
C ARG B 11 -5.72 7.23 -12.18
N TYR B 12 -6.10 6.00 -12.49
CA TYR B 12 -5.21 5.04 -13.12
C TYR B 12 -5.26 5.24 -14.63
N THR B 13 -4.09 5.20 -15.25
CA THR B 13 -3.95 5.52 -16.67
C THR B 13 -2.67 4.88 -17.22
N LEU B 14 -2.59 4.76 -18.54
CA LEU B 14 -1.34 4.40 -19.22
C LEU B 14 -0.54 5.64 -19.68
N LYS B 15 -1.16 6.81 -19.60
CA LYS B 15 -0.58 8.06 -20.13
C LYS B 15 0.35 8.76 -19.14
N GLU B 16 1.24 9.58 -19.69
CA GLU B 16 2.14 10.43 -18.89
C GLU B 16 1.45 11.65 -18.25
N VAL B 17 0.35 12.12 -18.84
CA VAL B 17 -0.41 13.20 -18.23
C VAL B 17 -1.86 12.75 -17.99
N CYS B 18 -2.37 12.99 -16.77
CA CYS B 18 -3.72 12.56 -16.38
C CYS B 18 -4.79 13.10 -17.32
N PRO B 19 -5.60 12.19 -17.88
CA PRO B 19 -6.73 12.59 -18.72
C PRO B 19 -7.83 13.33 -17.93
N VAL B 20 -7.83 13.21 -16.60
CA VAL B 20 -8.80 13.91 -15.75
C VAL B 20 -8.26 15.26 -15.21
N CYS B 21 -7.32 15.20 -14.27
CA CYS B 21 -6.74 16.37 -13.55
C CYS B 21 -5.81 17.17 -14.56
N GLY B 22 -5.06 16.45 -15.39
CA GLY B 22 -4.04 17.09 -16.24
C GLY B 22 -2.61 17.07 -15.67
N GLU B 23 -2.43 16.47 -14.48
CA GLU B 23 -1.10 16.37 -13.85
C GLU B 23 -0.21 15.29 -14.45
N LYS B 24 1.11 15.45 -14.29
CA LYS B 24 2.09 14.41 -14.65
C LYS B 24 1.90 13.17 -13.76
N THR B 25 1.73 12.03 -14.41
CA THR B 25 1.47 10.78 -13.72
C THR B 25 2.75 10.09 -13.26
N LYS B 26 2.62 9.24 -12.26
CA LYS B 26 3.73 8.43 -11.74
C LYS B 26 3.42 6.94 -11.87
N VAL B 27 4.47 6.10 -11.87
CA VAL B 27 4.29 4.65 -11.87
C VAL B 27 3.49 4.21 -10.61
N ALA B 28 2.51 3.34 -10.81
CA ALA B 28 1.55 2.96 -9.75
C ALA B 28 2.15 2.06 -8.67
N HIS B 29 3.10 1.23 -9.07
CA HIS B 29 3.72 0.27 -8.14
C HIS B 29 4.75 0.96 -7.24
N PRO B 30 4.78 0.58 -5.95
CA PRO B 30 5.76 1.17 -5.05
C PRO B 30 7.18 0.64 -5.36
N PRO B 31 8.23 1.39 -4.95
CA PRO B 31 9.60 0.92 -5.19
C PRO B 31 9.90 -0.42 -4.52
N ARG B 32 10.83 -1.17 -5.11
CA ARG B 32 11.25 -2.45 -4.58
C ARG B 32 11.99 -2.29 -3.24
N PHE B 33 11.83 -3.26 -2.36
CA PHE B 33 12.38 -3.17 -1.01
C PHE B 33 13.22 -4.41 -0.67
N SER B 34 14.39 -4.18 -0.09
CA SER B 34 15.27 -5.24 0.42
C SER B 34 15.25 -5.26 1.95
N PRO B 35 15.11 -6.46 2.55
CA PRO B 35 15.24 -6.55 4.01
C PRO B 35 16.62 -6.09 4.47
N GLU B 36 17.64 -6.30 3.64
CA GLU B 36 19.00 -5.81 3.91
C GLU B 36 19.02 -4.27 3.92
N ASP B 37 18.24 -3.67 3.01
CA ASP B 37 18.06 -2.21 2.93
C ASP B 37 19.37 -1.42 3.08
N PRO B 38 20.31 -1.58 2.10
CA PRO B 38 21.66 -1.04 2.23
C PRO B 38 21.76 0.47 2.47
N TYR B 39 20.83 1.24 1.93
CA TYR B 39 20.97 2.70 2.00
C TYR B 39 19.88 3.37 2.81
N GLY B 40 19.18 2.58 3.61
CA GLY B 40 18.15 3.07 4.51
C GLY B 40 18.61 4.29 5.27
N GLU B 41 19.81 4.20 5.83
CA GLU B 41 20.44 5.28 6.56
C GLU B 41 20.49 6.60 5.77
N TYR B 42 20.97 6.51 4.53
CA TYR B 42 21.09 7.68 3.67
C TYR B 42 19.77 8.14 3.08
N ARG B 43 18.90 7.18 2.77
CA ARG B 43 17.53 7.48 2.38
C ARG B 43 16.80 8.17 3.53
N ARG B 44 17.00 7.68 4.75
CA ARG B 44 16.44 8.32 5.95
C ARG B 44 16.90 9.76 6.17
N ARG B 45 18.14 10.05 5.77
CA ARG B 45 18.68 11.40 5.89
C ARG B 45 18.00 12.38 4.92
N TRP B 46 17.71 11.88 3.71
CA TRP B 46 16.93 12.62 2.72
C TRP B 46 15.50 12.84 3.22
N LYS B 47 14.89 11.78 3.73
CA LYS B 47 13.51 11.81 4.21
C LYS B 47 13.32 12.72 5.43
N ARG B 48 14.32 12.74 6.31
CA ARG B 48 14.32 13.64 7.46
C ARG B 48 14.34 15.10 7.03
N GLU B 49 15.12 15.41 6.00
CA GLU B 49 15.17 16.75 5.42
C GLU B 49 13.82 17.14 4.79
N VAL B 50 13.16 16.17 4.16
CA VAL B 50 11.87 16.39 3.52
C VAL B 50 10.74 16.65 4.54
N LEU B 51 10.82 15.98 5.68
CA LEU B 51 9.68 15.88 6.59
C LEU B 51 9.71 17.00 7.63
N GLY B 52 10.74 17.83 7.58
CA GLY B 52 10.91 18.90 8.54
C GLY B 52 11.31 18.40 9.90
N ILE B 53 11.78 17.16 9.96
CA ILE B 53 12.12 16.52 11.23
C ILE B 53 13.60 16.73 11.57
N LYS C 1 9.65 20.12 -9.18
CA LYS C 1 10.57 18.99 -9.54
C LYS C 1 11.00 18.18 -8.29
N PRO C 2 11.48 16.93 -8.49
CA PRO C 2 11.59 15.97 -7.38
C PRO C 2 12.40 16.46 -6.17
N SER C 3 12.03 15.93 -5.00
CA SER C 3 12.60 16.37 -3.73
C SER C 3 14.08 16.03 -3.54
N TYR C 4 14.59 15.07 -4.30
CA TYR C 4 16.01 14.71 -4.25
C TYR C 4 16.88 15.69 -5.05
N VAL C 5 16.24 16.52 -5.88
CA VAL C 5 16.95 17.55 -6.63
C VAL C 5 17.14 18.77 -5.72
N LYS C 6 18.37 18.90 -5.22
CA LYS C 6 18.69 19.82 -4.13
C LYS C 6 18.87 21.27 -4.59
N PHE C 7 19.31 21.46 -5.84
CA PHE C 7 19.56 22.80 -6.37
C PHE C 7 19.23 22.94 -7.85
N GLU C 8 19.07 24.18 -8.30
CA GLU C 8 18.77 24.49 -9.70
C GLU C 8 20.03 24.51 -10.56
N VAL C 9 19.95 23.82 -11.70
CA VAL C 9 21.08 23.73 -12.64
C VAL C 9 20.71 24.40 -13.97
N PRO C 10 21.51 25.40 -14.40
CA PRO C 10 21.29 26.07 -15.69
C PRO C 10 21.58 25.14 -16.86
N LYS C 11 20.83 25.32 -17.95
CA LYS C 11 20.97 24.48 -19.17
C LYS C 11 22.42 24.34 -19.65
N GLU C 12 23.18 25.43 -19.62
CA GLU C 12 24.58 25.44 -20.04
C GLU C 12 25.42 24.49 -19.19
N LEU C 13 25.24 24.57 -17.88
CA LEU C 13 25.93 23.70 -16.93
C LEU C 13 25.50 22.24 -17.08
N ALA C 14 24.21 22.04 -17.35
CA ALA C 14 23.66 20.71 -17.59
C ALA C 14 24.22 20.09 -18.86
N GLU C 15 24.40 20.92 -19.89
CA GLU C 15 25.01 20.48 -21.16
C GLU C 15 26.48 20.15 -20.99
N LYS C 16 27.17 20.89 -20.13
CA LYS C 16 28.58 20.64 -19.82
C LYS C 16 28.76 19.30 -19.12
N ALA C 17 27.77 18.94 -18.29
CA ALA C 17 27.78 17.67 -17.59
C ALA C 17 27.63 16.48 -18.54
N LEU C 18 26.72 16.60 -19.52
CA LEU C 18 26.48 15.55 -20.50
C LEU C 18 27.62 15.40 -21.49
N GLN C 19 28.34 16.50 -21.72
CA GLN C 19 29.53 16.49 -22.56
C GLN C 19 30.72 15.86 -21.84
N ALA C 20 30.85 16.14 -20.55
CA ALA C 20 31.93 15.60 -19.73
C ALA C 20 31.87 14.07 -19.63
N VAL C 21 30.66 13.52 -19.58
CA VAL C 21 30.48 12.08 -19.55
C VAL C 21 30.80 11.46 -20.92
N GLU C 22 30.43 12.17 -21.98
CA GLU C 22 30.74 11.77 -23.35
C GLU C 22 32.24 11.54 -23.55
N ILE C 23 33.04 12.51 -23.09
CA ILE C 23 34.51 12.48 -23.22
C ILE C 23 35.14 11.44 -22.28
N ALA C 24 34.80 11.53 -21.00
CA ALA C 24 35.35 10.64 -19.96
C ALA C 24 35.12 9.16 -20.24
N ARG C 25 34.07 8.87 -21.02
CA ARG C 25 33.74 7.50 -21.42
C ARG C 25 34.88 6.86 -22.21
N ASP C 26 35.16 7.39 -23.39
CA ASP C 26 36.18 6.81 -24.27
C ASP C 26 37.63 7.14 -23.90
N THR C 27 37.85 8.29 -23.29
CA THR C 27 39.20 8.75 -22.93
C THR C 27 39.57 8.52 -21.46
N GLY C 28 38.63 8.06 -20.65
CA GLY C 28 38.87 7.80 -19.23
C GLY C 28 38.13 6.59 -18.71
N LYS C 29 37.42 6.77 -17.61
CA LYS C 29 36.65 5.69 -17.00
C LYS C 29 35.41 6.20 -16.29
N ILE C 30 34.26 5.66 -16.68
CA ILE C 30 33.00 6.00 -16.02
C ILE C 30 32.30 4.75 -15.50
N ARG C 31 31.33 4.96 -14.61
CA ARG C 31 30.43 3.89 -14.21
C ARG C 31 29.00 4.34 -14.42
N LYS C 32 28.20 3.44 -14.99
CA LYS C 32 26.86 3.75 -15.47
C LYS C 32 25.82 2.84 -14.81
N GLY C 33 24.75 3.45 -14.31
CA GLY C 33 23.72 2.74 -13.55
C GLY C 33 23.85 3.10 -12.09
N THR C 34 22.73 3.04 -11.37
CA THR C 34 22.68 3.51 -9.98
C THR C 34 23.50 2.65 -8.99
N ASN C 35 23.49 1.34 -9.17
CA ASN C 35 24.28 0.47 -8.30
C ASN C 35 25.77 0.75 -8.47
N GLU C 36 26.25 0.73 -9.72
CA GLU C 36 27.65 1.05 -10.06
C GLU C 36 28.08 2.43 -9.59
N THR C 37 27.22 3.42 -9.76
CA THR C 37 27.51 4.79 -9.32
C THR C 37 27.61 4.85 -7.80
N THR C 38 26.67 4.19 -7.12
CA THR C 38 26.61 4.13 -5.65
C THR C 38 27.84 3.44 -5.04
N LYS C 39 28.26 2.33 -5.65
CA LYS C 39 29.46 1.62 -5.20
C LYS C 39 30.67 2.55 -5.29
N ALA C 40 30.89 3.09 -6.49
CA ALA C 40 31.93 4.09 -6.75
C ALA C 40 32.06 5.15 -5.66
N VAL C 41 30.93 5.66 -5.17
CA VAL C 41 30.92 6.70 -4.14
C VAL C 41 31.33 6.14 -2.76
N GLU C 42 30.80 4.97 -2.42
CA GLU C 42 31.17 4.27 -1.20
C GLU C 42 32.64 3.83 -1.19
N ARG C 43 33.14 3.50 -2.37
CA ARG C 43 34.54 3.14 -2.56
C ARG C 43 35.42 4.39 -2.71
N GLY C 44 34.78 5.55 -2.80
CA GLY C 44 35.47 6.83 -2.89
C GLY C 44 36.28 7.01 -4.16
N GLN C 45 35.79 6.48 -5.27
CA GLN C 45 36.52 6.54 -6.54
C GLN C 45 35.84 7.50 -7.53
N ALA C 46 34.64 7.95 -7.16
CA ALA C 46 33.88 8.89 -7.98
C ALA C 46 34.47 10.28 -7.86
N LYS C 47 34.70 10.91 -9.01
CA LYS C 47 35.16 12.30 -9.05
C LYS C 47 33.96 13.22 -9.15
N LEU C 48 33.02 12.87 -10.03
CA LEU C 48 31.77 13.60 -10.18
C LEU C 48 30.65 12.60 -10.36
N VAL C 49 29.50 12.89 -9.76
CA VAL C 49 28.30 12.08 -9.93
C VAL C 49 27.24 12.91 -10.65
N ILE C 50 26.64 12.31 -11.67
CA ILE C 50 25.61 12.94 -12.48
C ILE C 50 24.27 12.22 -12.29
N ILE C 51 23.27 12.95 -11.81
CA ILE C 51 21.97 12.37 -11.49
C ILE C 51 20.87 12.93 -12.41
N ALA C 52 20.09 12.05 -13.02
CA ALA C 52 18.95 12.47 -13.82
C ALA C 52 17.80 13.04 -12.97
N GLU C 53 17.17 14.09 -13.49
CA GLU C 53 16.12 14.83 -12.77
C GLU C 53 14.73 14.16 -12.84
N ASP C 54 14.58 13.18 -13.71
CA ASP C 54 13.28 12.55 -13.99
C ASP C 54 13.21 11.07 -13.56
N VAL C 55 13.83 10.74 -12.43
CA VAL C 55 13.83 9.38 -11.91
C VAL C 55 12.54 9.11 -11.11
N ASP C 56 11.80 8.09 -11.52
CA ASP C 56 10.56 7.69 -10.85
C ASP C 56 10.45 6.16 -10.75
N PRO C 57 10.32 5.63 -9.52
CA PRO C 57 10.29 6.36 -8.23
C PRO C 57 11.60 6.99 -7.78
N GLU C 58 11.47 8.07 -6.99
CA GLU C 58 12.58 8.85 -6.45
C GLU C 58 13.63 7.99 -5.74
N GLU C 59 13.12 7.02 -4.96
CA GLU C 59 13.92 6.17 -4.11
C GLU C 59 15.08 5.49 -4.82
N ILE C 60 14.98 5.35 -6.15
CA ILE C 60 16.08 4.77 -6.92
C ILE C 60 17.39 5.53 -6.70
N VAL C 61 17.32 6.86 -6.68
CA VAL C 61 18.53 7.72 -6.61
C VAL C 61 18.55 8.64 -5.39
N ALA C 62 17.47 8.64 -4.63
CA ALA C 62 17.26 9.61 -3.55
C ALA C 62 18.38 9.62 -2.50
N HIS C 63 19.06 8.49 -2.36
CA HIS C 63 20.08 8.28 -1.35
C HIS C 63 21.45 8.85 -1.75
N LEU C 64 21.60 9.16 -3.04
CA LEU C 64 22.87 9.65 -3.59
C LEU C 64 23.36 11.01 -3.06
N PRO C 65 22.57 12.09 -3.22
CA PRO C 65 23.04 13.36 -2.63
C PRO C 65 23.56 13.28 -1.19
N PRO C 66 22.81 12.67 -0.24
CA PRO C 66 23.32 12.55 1.14
C PRO C 66 24.59 11.68 1.29
N LEU C 67 24.72 10.68 0.42
CA LEU C 67 25.84 9.75 0.45
C LEU C 67 27.06 10.43 -0.16
N CYS C 68 26.82 11.29 -1.13
CA CYS C 68 27.85 12.12 -1.75
C CYS C 68 28.41 13.15 -0.77
N GLU C 69 27.52 13.80 -0.03
CA GLU C 69 27.93 14.79 0.97
C GLU C 69 28.72 14.13 2.09
N GLU C 70 28.33 12.91 2.43
CA GLU C 70 29.03 12.08 3.41
C GLU C 70 30.48 11.78 2.98
N LYS C 71 30.66 11.46 1.69
CA LYS C 71 31.96 11.06 1.17
C LYS C 71 32.76 12.23 0.59
N GLU C 72 32.14 13.41 0.60
CA GLU C 72 32.74 14.65 0.06
C GLU C 72 33.01 14.57 -1.44
N ILE C 73 32.00 14.10 -2.18
CA ILE C 73 32.07 13.95 -3.63
C ILE C 73 31.01 14.83 -4.28
N PRO C 74 31.42 15.65 -5.28
CA PRO C 74 30.46 16.53 -5.98
C PRO C 74 29.48 15.78 -6.86
N TYR C 75 28.25 16.30 -6.91
CA TYR C 75 27.20 15.75 -7.76
C TYR C 75 26.45 16.88 -8.44
N ILE C 76 25.88 16.57 -9.60
CA ILE C 76 25.11 17.52 -10.39
C ILE C 76 23.97 16.78 -11.11
N TYR C 77 22.97 17.53 -11.55
CA TYR C 77 21.82 16.95 -12.21
C TYR C 77 21.75 17.25 -13.71
N VAL C 78 21.07 16.37 -14.44
CA VAL C 78 20.71 16.60 -15.85
C VAL C 78 19.23 16.25 -16.04
N PRO C 79 18.52 16.97 -16.94
CA PRO C 79 17.07 16.79 -17.06
C PRO C 79 16.58 15.37 -17.44
N SER C 80 17.32 14.69 -18.31
CA SER C 80 16.83 13.43 -18.90
C SER C 80 17.72 12.22 -18.62
N LYS C 81 17.09 11.10 -18.27
CA LYS C 81 17.80 9.86 -18.01
C LYS C 81 18.11 9.07 -19.29
N LYS C 82 17.27 9.21 -20.31
CA LYS C 82 17.50 8.59 -21.62
C LYS C 82 18.72 9.23 -22.27
N GLU C 83 18.73 10.56 -22.24
CA GLU C 83 19.83 11.38 -22.72
C GLU C 83 21.12 11.09 -21.94
N LEU C 84 21.01 10.91 -20.62
CA LEU C 84 22.18 10.55 -19.81
C LEU C 84 22.70 9.15 -20.16
N GLY C 85 21.78 8.25 -20.51
CA GLY C 85 22.13 6.91 -20.98
C GLY C 85 22.94 6.95 -22.27
N ALA C 86 22.42 7.70 -23.25
CA ALA C 86 23.12 7.92 -24.52
C ALA C 86 24.56 8.42 -24.31
N ALA C 87 24.70 9.40 -23.43
CA ALA C 87 26.01 9.96 -23.08
C ALA C 87 26.94 8.90 -22.48
N ALA C 88 26.38 7.98 -21.70
CA ALA C 88 27.14 6.89 -21.09
C ALA C 88 27.54 5.81 -22.10
N GLY C 89 26.99 5.89 -23.31
CA GLY C 89 27.31 4.93 -24.37
C GLY C 89 26.46 3.68 -24.34
N ILE C 90 25.33 3.76 -23.65
CA ILE C 90 24.35 2.66 -23.66
C ILE C 90 23.06 3.09 -24.34
N GLU C 91 22.32 2.11 -24.88
CA GLU C 91 21.11 2.38 -25.64
C GLU C 91 19.86 2.35 -24.76
N VAL C 92 20.10 2.37 -23.45
CA VAL C 92 19.06 2.42 -22.43
C VAL C 92 19.29 3.63 -21.53
N ALA C 93 18.22 4.14 -20.91
CA ALA C 93 18.32 5.21 -19.92
C ALA C 93 19.26 4.86 -18.76
N ALA C 94 19.82 5.88 -18.11
CA ALA C 94 20.63 5.70 -16.91
C ALA C 94 20.26 6.75 -15.88
N ALA C 95 19.81 6.30 -14.72
CA ALA C 95 19.35 7.22 -13.66
C ALA C 95 20.50 8.05 -13.07
N SER C 96 21.66 7.41 -12.90
CA SER C 96 22.86 8.10 -12.44
C SER C 96 24.14 7.57 -13.07
N VAL C 97 25.18 8.39 -13.03
CA VAL C 97 26.48 8.10 -13.63
C VAL C 97 27.61 8.66 -12.76
N ALA C 98 28.71 7.90 -12.65
CA ALA C 98 29.89 8.36 -11.93
C ALA C 98 31.07 8.49 -12.88
N ILE C 99 31.91 9.49 -12.64
CA ILE C 99 33.18 9.61 -13.36
C ILE C 99 34.29 9.18 -12.41
N ILE C 100 35.01 8.14 -12.79
CA ILE C 100 36.08 7.58 -11.97
C ILE C 100 37.42 8.15 -12.41
N GLU C 101 37.63 8.16 -13.73
CA GLU C 101 38.79 8.80 -14.34
C GLU C 101 38.30 9.72 -15.46
N PRO C 102 38.58 11.04 -15.32
CA PRO C 102 38.06 12.08 -16.22
C PRO C 102 38.63 12.02 -17.64
N GLY C 103 39.90 11.64 -17.76
CA GLY C 103 40.58 11.58 -19.06
C GLY C 103 40.77 12.97 -19.65
N LYS C 104 40.41 13.11 -20.92
CA LYS C 104 40.54 14.39 -21.64
C LYS C 104 39.52 15.44 -21.21
N ALA C 105 38.92 15.25 -20.04
CA ALA C 105 37.88 16.15 -19.55
C ALA C 105 38.10 16.57 -18.08
N ARG C 106 39.36 16.59 -17.66
CA ARG C 106 39.71 16.90 -16.27
C ARG C 106 39.30 18.31 -15.86
N ASP C 107 39.57 19.29 -16.73
CA ASP C 107 39.34 20.70 -16.44
C ASP C 107 37.85 21.06 -16.47
N LEU C 108 37.11 20.46 -17.41
CA LEU C 108 35.67 20.59 -17.46
C LEU C 108 35.03 20.06 -16.16
N VAL C 109 35.49 18.90 -15.71
CA VAL C 109 35.06 18.31 -14.43
C VAL C 109 35.34 19.26 -13.25
N GLU C 110 36.54 19.82 -13.22
CA GLU C 110 36.94 20.75 -12.16
C GLU C 110 36.17 22.05 -12.24
N GLU C 111 35.77 22.43 -13.45
CA GLU C 111 34.93 23.61 -13.66
C GLU C 111 33.53 23.36 -13.12
N ILE C 112 32.93 22.24 -13.53
CA ILE C 112 31.62 21.80 -13.03
C ILE C 112 31.60 21.74 -11.50
N ALA C 113 32.64 21.12 -10.93
CA ALA C 113 32.77 20.94 -9.48
C ALA C 113 32.74 22.25 -8.68
N MET C 114 33.26 23.32 -9.27
CA MET C 114 33.38 24.60 -8.57
C MET C 114 32.18 25.55 -8.71
N LYS C 115 31.34 25.30 -9.70
CA LYS C 115 30.10 26.06 -9.82
C LYS C 115 28.93 25.43 -9.05
N VAL C 116 28.94 24.11 -8.92
CA VAL C 116 27.98 23.41 -8.06
C VAL C 116 28.31 23.64 -6.58
N LYS C 117 29.55 24.07 -6.32
CA LYS C 117 30.01 24.43 -4.98
C LYS C 117 29.27 25.66 -4.45
N GLU C 118 28.98 26.60 -5.35
CA GLU C 118 28.22 27.81 -5.01
C GLU C 118 26.74 27.49 -4.82
N LEU C 119 26.26 26.51 -5.58
CA LEU C 119 24.86 26.07 -5.52
C LEU C 119 24.56 25.23 -4.28
N MET C 120 25.60 24.65 -3.68
CA MET C 120 25.46 23.81 -2.50
C MET C 120 25.17 24.60 -1.23
#